data_7LG9
#
_entry.id   7LG9
#
_cell.length_a   44.854
_cell.length_b   80.131
_cell.length_c   163.532
_cell.angle_alpha   90.000
_cell.angle_beta   90.000
_cell.angle_gamma   90.000
#
_symmetry.space_group_name_H-M   'P 21 21 21'
#
loop_
_entity.id
_entity.type
_entity.pdbx_description
1 polymer '3-ketoacyl-ACP reductase'
2 water water
#
_entity_poly.entity_id   1
_entity_poly.type   'polypeptide(L)'
_entity_poly.pdbx_seq_one_letter_code
;LKLTESNRSPRTTNTTDLSGKVAVVTGAAAGLGRAEALGLARLGATVVVNDVASALDASDVVDEIGAAAADAGAKAVAVA
GDISQRATADELLASAVGLGGLDIVVNNAGITRDRMLFNMSDEEWDAVIAVHLRGHFLLTRNAAAYWRDKAKDAEGGSVF
GRLVNTSSEAGLVGPVGQANYAAAKAGITALTLSAARALGRYGVCANVICPRARTAMTADVFGAAPDVEAGQIDPLSPQH
VVSLVQFLASPAAAEVNGQVFIVYGPQVTLVSPPHMERRFSADGTSWDPTELTATLRDYFAGRDPEQSFSATDLMRQ
;
_entity_poly.pdbx_strand_id   A,B
#
# COMPACT_ATOMS: atom_id res chain seq x y z
N THR A 15 -18.92 7.18 -25.90
CA THR A 15 -20.33 7.11 -25.54
C THR A 15 -20.50 6.84 -24.05
N THR A 16 -21.70 7.11 -23.54
CA THR A 16 -22.02 6.89 -22.13
C THR A 16 -22.80 5.60 -21.89
N ASP A 17 -23.31 4.97 -22.95
CA ASP A 17 -24.15 3.79 -22.79
C ASP A 17 -23.32 2.55 -22.53
N LEU A 18 -23.88 1.64 -21.73
CA LEU A 18 -23.19 0.42 -21.33
C LEU A 18 -24.03 -0.82 -21.66
N SER A 19 -24.83 -0.76 -22.73
CA SER A 19 -25.70 -1.87 -23.07
C SER A 19 -24.89 -3.10 -23.49
N GLY A 20 -25.39 -4.27 -23.10
CA GLY A 20 -24.72 -5.51 -23.45
C GLY A 20 -23.39 -5.74 -22.78
N LYS A 21 -23.05 -4.96 -21.76
CA LYS A 21 -21.77 -5.11 -21.05
C LYS A 21 -22.02 -5.68 -19.66
N VAL A 22 -21.14 -6.57 -19.23
CA VAL A 22 -21.25 -7.24 -17.95
C VAL A 22 -20.31 -6.56 -16.95
N ALA A 23 -20.83 -6.21 -15.79
CA ALA A 23 -20.07 -5.56 -14.73
C ALA A 23 -20.17 -6.36 -13.44
N VAL A 24 -19.10 -6.31 -12.65
CA VAL A 24 -19.04 -6.94 -11.34
C VAL A 24 -18.73 -5.87 -10.31
N VAL A 25 -19.57 -5.77 -9.28
CA VAL A 25 -19.40 -4.81 -8.20
C VAL A 25 -19.40 -5.57 -6.89
N THR A 26 -18.37 -5.35 -6.07
CA THR A 26 -18.29 -5.93 -4.74
C THR A 26 -18.77 -4.95 -3.69
N GLY A 27 -19.20 -5.50 -2.55
CA GLY A 27 -19.77 -4.68 -1.50
C GLY A 27 -21.00 -3.91 -1.92
N ALA A 28 -21.82 -4.51 -2.79
CA ALA A 28 -22.94 -3.81 -3.43
C ALA A 28 -24.27 -4.03 -2.71
N ALA A 29 -24.26 -4.56 -1.48
CA ALA A 29 -25.51 -4.78 -0.77
C ALA A 29 -26.12 -3.45 -0.32
N ALA A 30 -25.29 -2.52 0.14
CA ALA A 30 -25.77 -1.24 0.62
C ALA A 30 -24.66 -0.21 0.49
N GLY A 31 -25.01 1.05 0.75
CA GLY A 31 -24.01 2.10 0.78
C GLY A 31 -23.53 2.48 -0.60
N LEU A 32 -22.21 2.72 -0.71
CA LEU A 32 -21.64 3.20 -1.96
C LEU A 32 -21.63 2.10 -3.03
N GLY A 33 -21.28 0.87 -2.65
CA GLY A 33 -21.26 -0.20 -3.62
C GLY A 33 -22.61 -0.46 -4.25
N ARG A 34 -23.68 -0.30 -3.46
CA ARG A 34 -25.02 -0.41 -4.01
C ARG A 34 -25.32 0.73 -4.98
N ALA A 35 -24.92 1.96 -4.62
CA ALA A 35 -25.17 3.09 -5.50
C ALA A 35 -24.42 2.95 -6.81
N GLU A 36 -23.19 2.45 -6.76
CA GLU A 36 -22.43 2.21 -7.99
C GLU A 36 -23.09 1.14 -8.84
N ALA A 37 -23.51 0.03 -8.22
CA ALA A 37 -24.14 -1.05 -8.96
C ALA A 37 -25.43 -0.59 -9.62
N LEU A 38 -26.20 0.24 -8.93
CA LEU A 38 -27.40 0.82 -9.54
C LEU A 38 -27.04 1.74 -10.70
N GLY A 39 -25.96 2.50 -10.57
CA GLY A 39 -25.57 3.42 -11.63
C GLY A 39 -25.12 2.73 -12.90
N LEU A 40 -24.50 1.56 -12.77
CA LEU A 40 -24.07 0.82 -13.95
C LEU A 40 -25.24 0.13 -14.63
N ALA A 41 -26.09 -0.56 -13.86
CA ALA A 41 -27.26 -1.24 -14.43
C ALA A 41 -28.21 -0.26 -15.10
N ARG A 42 -28.20 1.00 -14.68
CA ARG A 42 -29.06 2.05 -15.19
C ARG A 42 -28.53 2.65 -16.49
N LEU A 43 -27.27 2.40 -16.82
CA LEU A 43 -26.74 2.69 -18.14
C LEU A 43 -26.80 1.49 -19.08
N GLY A 44 -27.52 0.45 -18.70
CA GLY A 44 -27.71 -0.74 -19.52
C GLY A 44 -26.81 -1.90 -19.18
N ALA A 45 -25.85 -1.72 -18.27
CA ALA A 45 -24.91 -2.79 -17.96
C ALA A 45 -25.59 -3.92 -17.19
N THR A 46 -25.12 -5.14 -17.45
CA THR A 46 -25.56 -6.32 -16.72
C THR A 46 -24.65 -6.50 -15.51
N VAL A 47 -25.18 -6.27 -14.32
CA VAL A 47 -24.37 -6.15 -13.11
C VAL A 47 -24.42 -7.45 -12.33
N VAL A 48 -23.24 -7.97 -11.98
CA VAL A 48 -23.10 -9.10 -11.07
C VAL A 48 -22.73 -8.51 -9.71
N VAL A 49 -23.69 -8.46 -8.81
CA VAL A 49 -23.50 -7.82 -7.50
C VAL A 49 -22.96 -8.86 -6.52
N ASN A 50 -21.97 -8.45 -5.72
CA ASN A 50 -21.37 -9.32 -4.72
C ASN A 50 -21.40 -8.65 -3.36
N ASP A 51 -21.70 -9.46 -2.34
CA ASP A 51 -21.56 -9.12 -0.94
C ASP A 51 -21.76 -10.41 -0.17
N VAL A 52 -21.51 -10.35 1.11
CA VAL A 52 -21.72 -11.49 2.02
C VAL A 52 -23.21 -11.88 2.02
N ALA A 53 -23.53 -13.18 2.04
CA ALA A 53 -24.91 -13.65 1.93
C ALA A 53 -25.82 -12.95 2.91
N SER A 54 -25.29 -12.63 4.10
CA SER A 54 -26.03 -11.92 5.15
C SER A 54 -26.40 -10.52 4.70
N ALA A 55 -25.46 -9.78 4.12
CA ALA A 55 -25.75 -8.42 3.67
C ALA A 55 -26.70 -8.40 2.48
N LEU A 56 -26.64 -9.41 1.63
CA LEU A 56 -27.55 -9.47 0.49
C LEU A 56 -28.97 -9.80 0.93
N ASP A 57 -29.13 -10.60 1.99
CA ASP A 57 -30.48 -10.94 2.44
C ASP A 57 -31.13 -9.76 3.18
N ALA A 58 -30.34 -9.02 3.96
CA ALA A 58 -30.89 -7.91 4.73
C ALA A 58 -31.33 -6.75 3.84
N SER A 59 -30.85 -6.68 2.60
CA SER A 59 -31.26 -5.66 1.65
C SER A 59 -31.96 -6.32 0.47
N ASP A 60 -32.37 -5.48 -0.48
CA ASP A 60 -33.00 -5.94 -1.71
C ASP A 60 -32.34 -5.29 -2.91
N VAL A 61 -31.01 -5.16 -2.87
CA VAL A 61 -30.29 -4.59 -4.01
C VAL A 61 -30.50 -5.45 -5.24
N VAL A 62 -30.46 -6.78 -5.08
CA VAL A 62 -30.72 -7.70 -6.17
C VAL A 62 -32.13 -7.54 -6.71
N ASP A 63 -33.01 -6.91 -5.93
CA ASP A 63 -34.34 -6.54 -6.40
C ASP A 63 -34.38 -5.14 -6.98
N GLU A 64 -33.79 -4.15 -6.29
CA GLU A 64 -33.65 -2.80 -6.85
C GLU A 64 -32.85 -2.80 -8.13
N ILE A 65 -32.09 -3.87 -8.39
CA ILE A 65 -31.34 -4.08 -9.61
C ILE A 65 -31.94 -5.27 -10.33
N GLY A 66 -31.88 -5.27 -11.66
CA GLY A 66 -32.72 -6.18 -12.40
C GLY A 66 -34.12 -5.64 -12.49
N ALA A 67 -34.50 -4.83 -11.50
CA ALA A 67 -35.57 -3.87 -11.71
C ALA A 67 -35.00 -2.78 -12.61
N ALA A 68 -33.98 -2.08 -12.11
CA ALA A 68 -33.31 -1.06 -12.91
C ALA A 68 -32.53 -1.65 -14.08
N ALA A 69 -32.04 -2.88 -13.95
CA ALA A 69 -31.29 -3.47 -15.05
C ALA A 69 -32.22 -3.97 -16.15
N ALA A 70 -33.28 -4.70 -15.80
CA ALA A 70 -34.26 -5.07 -16.80
C ALA A 70 -35.16 -3.90 -17.19
N ASP A 71 -35.09 -2.79 -16.44
CA ASP A 71 -35.64 -1.54 -16.95
C ASP A 71 -34.93 -1.13 -18.24
N ALA A 72 -33.64 -1.44 -18.36
CA ALA A 72 -32.83 -1.05 -19.49
C ALA A 72 -32.33 -2.24 -20.30
N GLY A 73 -33.04 -3.37 -20.22
CA GLY A 73 -32.75 -4.54 -21.02
C GLY A 73 -31.81 -5.55 -20.38
N ALA A 74 -30.92 -5.09 -19.50
CA ALA A 74 -29.97 -6.00 -18.87
C ALA A 74 -30.69 -6.87 -17.82
N LYS A 75 -29.89 -7.66 -17.09
CA LYS A 75 -30.39 -8.49 -16.01
C LYS A 75 -29.42 -8.36 -14.85
N ALA A 76 -29.55 -9.22 -13.84
CA ALA A 76 -28.76 -9.07 -12.63
C ALA A 76 -28.79 -10.36 -11.82
N VAL A 77 -27.60 -10.94 -11.62
CA VAL A 77 -27.43 -12.05 -10.70
C VAL A 77 -26.75 -11.53 -9.46
N ALA A 78 -26.82 -12.32 -8.38
CA ALA A 78 -26.23 -11.94 -7.10
C ALA A 78 -25.42 -13.11 -6.56
N VAL A 79 -24.10 -12.94 -6.51
CA VAL A 79 -23.19 -13.95 -5.95
C VAL A 79 -22.82 -13.54 -4.53
N ALA A 80 -22.94 -14.47 -3.59
CA ALA A 80 -22.59 -14.23 -2.20
C ALA A 80 -21.25 -14.87 -1.89
N GLY A 81 -20.56 -14.30 -0.92
CA GLY A 81 -19.31 -14.85 -0.46
C GLY A 81 -18.38 -13.78 0.07
N ASP A 82 -17.35 -14.23 0.79
CA ASP A 82 -16.32 -13.35 1.32
C ASP A 82 -15.31 -13.03 0.22
N ILE A 83 -15.18 -11.75 -0.12
CA ILE A 83 -14.31 -11.35 -1.23
C ILE A 83 -12.85 -11.66 -0.94
N SER A 84 -12.48 -11.85 0.33
CA SER A 84 -11.12 -12.25 0.67
C SER A 84 -10.83 -13.71 0.35
N GLN A 85 -11.87 -14.49 0.03
CA GLN A 85 -11.69 -15.90 -0.31
C GLN A 85 -11.57 -16.07 -1.82
N ARG A 86 -10.64 -16.93 -2.23
CA ARG A 86 -10.42 -17.15 -3.66
C ARG A 86 -11.68 -17.66 -4.34
N ALA A 87 -12.46 -18.48 -3.65
CA ALA A 87 -13.66 -19.07 -4.25
C ALA A 87 -14.66 -18.01 -4.68
N THR A 88 -14.75 -16.91 -3.92
CA THR A 88 -15.70 -15.85 -4.29
C THR A 88 -15.28 -15.15 -5.57
N ALA A 89 -14.00 -14.83 -5.72
CA ALA A 89 -13.51 -14.21 -6.95
C ALA A 89 -13.69 -15.15 -8.14
N ASP A 90 -13.49 -16.45 -7.93
CA ASP A 90 -13.71 -17.41 -9.00
C ASP A 90 -15.17 -17.47 -9.39
N GLU A 91 -16.07 -17.40 -8.41
CA GLU A 91 -17.50 -17.44 -8.69
C GLU A 91 -17.96 -16.17 -9.42
N LEU A 92 -17.41 -15.02 -9.04
CA LEU A 92 -17.78 -13.78 -9.72
C LEU A 92 -17.37 -13.81 -11.19
N LEU A 93 -16.16 -14.28 -11.48
CA LEU A 93 -15.73 -14.40 -12.87
C LEU A 93 -16.58 -15.41 -13.62
N ALA A 94 -16.96 -16.50 -12.95
CA ALA A 94 -17.78 -17.51 -13.60
C ALA A 94 -19.16 -16.96 -13.97
N SER A 95 -19.79 -16.25 -13.03
CA SER A 95 -21.12 -15.70 -13.29
C SER A 95 -21.10 -14.69 -14.43
N ALA A 96 -20.03 -13.91 -14.53
CA ALA A 96 -19.92 -12.92 -15.59
C ALA A 96 -19.76 -13.59 -16.94
N VAL A 97 -18.86 -14.57 -17.04
CA VAL A 97 -18.62 -15.27 -18.30
C VAL A 97 -19.89 -15.98 -18.76
N GLY A 98 -20.65 -16.53 -17.81
CA GLY A 98 -21.92 -17.15 -18.15
C GLY A 98 -22.94 -16.18 -18.72
N LEU A 99 -22.78 -14.88 -18.42
CA LEU A 99 -23.68 -13.85 -18.91
C LEU A 99 -23.20 -13.23 -20.23
N GLY A 100 -22.05 -13.65 -20.75
CA GLY A 100 -21.57 -13.14 -22.02
C GLY A 100 -20.11 -12.74 -22.01
N GLY A 101 -19.58 -12.46 -20.84
CA GLY A 101 -18.18 -12.06 -20.72
C GLY A 101 -18.01 -11.17 -19.51
N LEU A 102 -16.86 -10.51 -19.45
CA LEU A 102 -16.52 -9.58 -18.38
C LEU A 102 -15.97 -8.31 -19.01
N ASP A 103 -16.59 -7.18 -18.70
CA ASP A 103 -16.19 -5.87 -19.22
C ASP A 103 -15.78 -4.89 -18.13
N ILE A 104 -16.51 -4.85 -17.02
CA ILE A 104 -16.30 -3.85 -15.97
C ILE A 104 -16.16 -4.57 -14.63
N VAL A 105 -15.20 -4.13 -13.83
CA VAL A 105 -15.01 -4.63 -12.46
C VAL A 105 -14.81 -3.43 -11.54
N VAL A 106 -15.61 -3.36 -10.48
CA VAL A 106 -15.53 -2.30 -9.49
C VAL A 106 -15.26 -2.95 -8.15
N ASN A 107 -14.00 -2.97 -7.72
CA ASN A 107 -13.64 -3.45 -6.40
C ASN A 107 -14.00 -2.39 -5.37
N ASN A 108 -14.96 -2.71 -4.50
CA ASN A 108 -15.47 -1.74 -3.53
C ASN A 108 -15.65 -2.30 -2.12
N ALA A 109 -15.81 -3.60 -1.94
CA ALA A 109 -16.06 -4.16 -0.62
C ALA A 109 -14.95 -3.79 0.36
N GLY A 110 -15.34 -3.48 1.59
CA GLY A 110 -14.38 -3.10 2.60
C GLY A 110 -14.93 -2.99 4.00
N ILE A 111 -14.09 -3.28 4.99
CA ILE A 111 -14.42 -3.13 6.40
C ILE A 111 -13.36 -2.23 7.04
N THR A 112 -13.60 -1.88 8.30
CA THR A 112 -12.65 -1.12 9.09
C THR A 112 -12.51 -1.74 10.47
N ARG A 113 -11.30 -1.66 11.02
CA ARG A 113 -11.00 -2.09 12.38
C ARG A 113 -10.09 -1.04 13.01
N ASP A 114 -10.68 0.13 13.31
CA ASP A 114 -9.91 1.25 13.81
C ASP A 114 -9.38 0.97 15.22
N ARG A 115 -8.10 1.30 15.42
CA ARG A 115 -7.43 1.10 16.70
C ARG A 115 -6.08 1.80 16.65
N MET A 116 -5.76 2.50 17.74
CA MET A 116 -4.41 3.05 17.88
C MET A 116 -3.38 1.97 17.63
N LEU A 117 -2.32 2.34 16.89
CA LEU A 117 -1.37 1.34 16.39
C LEU A 117 -0.83 0.46 17.50
N PHE A 118 -0.43 1.08 18.62
CA PHE A 118 0.12 0.31 19.74
C PHE A 118 -0.92 -0.55 20.45
N ASN A 119 -2.20 -0.41 20.10
CA ASN A 119 -3.26 -1.25 20.64
C ASN A 119 -3.88 -2.18 19.61
N MET A 120 -3.42 -2.12 18.36
CA MET A 120 -4.03 -2.89 17.27
C MET A 120 -3.59 -4.34 17.34
N SER A 121 -4.55 -5.26 17.32
CA SER A 121 -4.26 -6.68 17.39
C SER A 121 -3.91 -7.23 16.01
N ASP A 122 -3.50 -8.50 15.99
CA ASP A 122 -3.18 -9.16 14.73
C ASP A 122 -4.42 -9.35 13.88
N GLU A 123 -5.55 -9.70 14.50
CA GLU A 123 -6.78 -9.93 13.75
C GLU A 123 -7.30 -8.62 13.15
N GLU A 124 -7.20 -7.53 13.89
CA GLU A 124 -7.65 -6.24 13.36
C GLU A 124 -6.85 -5.85 12.13
N TRP A 125 -5.54 -6.12 12.14
CA TRP A 125 -4.73 -5.86 10.96
C TRP A 125 -5.05 -6.84 9.84
N ASP A 126 -5.06 -8.14 10.15
CA ASP A 126 -5.22 -9.15 9.12
C ASP A 126 -6.58 -9.04 8.42
N ALA A 127 -7.64 -8.77 9.19
CA ALA A 127 -8.98 -8.72 8.61
C ALA A 127 -9.11 -7.62 7.58
N VAL A 128 -8.66 -6.41 7.93
CA VAL A 128 -8.76 -5.28 6.99
C VAL A 128 -7.90 -5.53 5.76
N ILE A 129 -6.72 -6.12 5.96
CA ILE A 129 -5.84 -6.41 4.82
C ILE A 129 -6.47 -7.45 3.91
N ALA A 130 -7.17 -8.43 4.49
CA ALA A 130 -7.75 -9.50 3.69
C ALA A 130 -8.87 -8.99 2.79
N VAL A 131 -9.83 -8.27 3.36
CA VAL A 131 -10.98 -7.80 2.59
C VAL A 131 -10.54 -6.75 1.57
N HIS A 132 -9.84 -5.72 2.02
CA HIS A 132 -9.45 -4.63 1.13
C HIS A 132 -8.37 -5.08 0.14
N LEU A 133 -7.19 -5.43 0.66
CA LEU A 133 -6.05 -5.68 -0.22
C LEU A 133 -6.16 -7.02 -0.94
N ARG A 134 -6.34 -8.12 -0.20
CA ARG A 134 -6.42 -9.43 -0.83
C ARG A 134 -7.70 -9.56 -1.66
N GLY A 135 -8.81 -9.00 -1.16
CA GLY A 135 -10.04 -9.01 -1.94
C GLY A 135 -9.89 -8.26 -3.25
N HIS A 136 -9.18 -7.13 -3.24
CA HIS A 136 -8.89 -6.42 -4.48
C HIS A 136 -8.00 -7.25 -5.38
N PHE A 137 -6.98 -7.91 -4.81
CA PHE A 137 -6.04 -8.68 -5.63
C PHE A 137 -6.73 -9.83 -6.34
N LEU A 138 -7.52 -10.61 -5.61
CA LEU A 138 -8.14 -11.80 -6.18
C LEU A 138 -9.02 -11.45 -7.37
N LEU A 139 -9.83 -10.41 -7.24
CA LEU A 139 -10.69 -10.03 -8.35
C LEU A 139 -9.91 -9.32 -9.44
N THR A 140 -8.90 -8.54 -9.08
CA THR A 140 -8.08 -7.89 -10.10
C THR A 140 -7.25 -8.91 -10.86
N ARG A 141 -6.66 -9.88 -10.17
CA ARG A 141 -5.87 -10.92 -10.84
C ARG A 141 -6.74 -11.76 -11.75
N ASN A 142 -7.93 -12.15 -11.28
CA ASN A 142 -8.83 -12.95 -12.10
C ASN A 142 -9.25 -12.19 -13.36
N ALA A 143 -9.62 -10.92 -13.21
CA ALA A 143 -10.01 -10.11 -14.36
C ALA A 143 -8.83 -9.89 -15.29
N ALA A 144 -7.63 -9.72 -14.73
CA ALA A 144 -6.43 -9.57 -15.56
C ALA A 144 -6.16 -10.84 -16.36
N ALA A 145 -6.34 -12.01 -15.74
CA ALA A 145 -6.12 -13.26 -16.46
C ALA A 145 -7.15 -13.46 -17.56
N TYR A 146 -8.41 -13.12 -17.28
CA TYR A 146 -9.46 -13.24 -18.28
C TYR A 146 -9.22 -12.28 -19.44
N TRP A 147 -8.97 -11.01 -19.14
CA TRP A 147 -8.81 -10.01 -20.19
C TRP A 147 -7.57 -10.28 -21.04
N ARG A 148 -6.48 -10.74 -20.41
CA ARG A 148 -5.28 -11.07 -21.17
C ARG A 148 -5.54 -12.24 -22.11
N ASP A 149 -6.25 -13.27 -21.62
CA ASP A 149 -6.54 -14.42 -22.47
C ASP A 149 -7.48 -14.06 -23.61
N LYS A 150 -8.55 -13.32 -23.31
CA LYS A 150 -9.48 -12.92 -24.36
C LYS A 150 -8.81 -12.02 -25.39
N ALA A 151 -7.77 -11.30 -24.98
CA ALA A 151 -7.00 -10.51 -25.94
C ALA A 151 -6.14 -11.42 -26.83
N LYS A 152 -5.72 -12.57 -26.31
CA LYS A 152 -4.97 -13.51 -27.14
C LYS A 152 -5.84 -14.11 -28.23
N ASP A 153 -7.13 -14.33 -27.96
CA ASP A 153 -8.04 -14.94 -28.91
C ASP A 153 -8.82 -13.91 -29.73
N ALA A 154 -8.51 -12.63 -29.58
CA ALA A 154 -9.24 -11.57 -30.27
C ALA A 154 -8.49 -11.12 -31.51
N GLU A 155 -9.21 -10.98 -32.61
CA GLU A 155 -8.65 -10.34 -33.80
C GLU A 155 -8.32 -8.89 -33.47
N GLY A 156 -7.04 -8.55 -33.54
CA GLY A 156 -6.56 -7.25 -33.12
C GLY A 156 -5.79 -7.27 -31.81
N GLY A 157 -5.79 -8.39 -31.10
CA GLY A 157 -5.02 -8.51 -29.87
C GLY A 157 -5.42 -7.53 -28.78
N SER A 158 -6.68 -7.09 -28.77
CA SER A 158 -7.15 -6.13 -27.78
C SER A 158 -8.48 -6.61 -27.21
N VAL A 159 -8.92 -5.94 -26.15
CA VAL A 159 -10.14 -6.31 -25.45
C VAL A 159 -10.62 -5.09 -24.68
N PHE A 160 -11.94 -4.92 -24.61
CA PHE A 160 -12.51 -3.87 -23.78
C PHE A 160 -12.50 -4.33 -22.32
N GLY A 161 -11.85 -3.55 -21.47
CA GLY A 161 -11.80 -3.85 -20.05
C GLY A 161 -11.72 -2.60 -19.20
N ARG A 162 -12.54 -2.54 -18.14
CA ARG A 162 -12.54 -1.42 -17.21
C ARG A 162 -12.39 -1.95 -15.80
N LEU A 163 -11.41 -1.40 -15.08
CA LEU A 163 -11.15 -1.77 -13.69
C LEU A 163 -11.16 -0.51 -12.83
N VAL A 164 -11.96 -0.53 -11.77
CA VAL A 164 -12.10 0.60 -10.86
C VAL A 164 -11.87 0.07 -9.45
N ASN A 165 -10.70 0.33 -8.88
CA ASN A 165 -10.39 -0.05 -7.52
C ASN A 165 -10.59 1.14 -6.59
N THR A 166 -10.98 0.85 -5.36
CA THR A 166 -11.37 1.87 -4.38
C THR A 166 -10.30 1.97 -3.31
N SER A 167 -9.48 3.02 -3.38
CA SER A 167 -8.53 3.31 -2.32
C SER A 167 -9.14 4.35 -1.38
N SER A 168 -8.29 5.13 -0.72
CA SER A 168 -8.75 6.14 0.21
C SER A 168 -7.63 7.14 0.45
N GLU A 169 -8.02 8.34 0.88
CA GLU A 169 -7.05 9.35 1.27
C GLU A 169 -6.27 8.96 2.51
N ALA A 170 -6.73 7.95 3.25
CA ALA A 170 -5.96 7.45 4.39
C ALA A 170 -4.62 6.88 3.95
N GLY A 171 -4.55 6.31 2.74
CA GLY A 171 -3.31 5.75 2.24
C GLY A 171 -2.22 6.77 2.00
N LEU A 172 -2.57 8.04 1.90
CA LEU A 172 -1.60 9.11 1.70
C LEU A 172 -1.17 9.79 2.99
N VAL A 173 -2.05 9.81 4.00
CA VAL A 173 -1.79 10.58 5.21
C VAL A 173 -1.37 9.65 6.35
N GLY A 174 -1.82 8.39 6.28
CA GLY A 174 -1.58 7.44 7.34
C GLY A 174 -2.17 7.92 8.65
N PRO A 175 -3.49 7.84 8.78
CA PRO A 175 -4.15 8.38 9.99
C PRO A 175 -3.78 7.60 11.24
N VAL A 176 -3.92 8.27 12.38
CA VAL A 176 -3.75 7.59 13.66
C VAL A 176 -4.96 6.71 13.91
N GLY A 177 -4.72 5.46 14.30
CA GLY A 177 -5.80 4.53 14.52
C GLY A 177 -6.34 3.87 13.27
N GLN A 178 -5.69 4.04 12.12
CA GLN A 178 -6.12 3.43 10.87
C GLN A 178 -4.92 2.96 10.07
N ALA A 179 -3.90 2.42 10.76
CA ALA A 179 -2.72 1.92 10.06
C ALA A 179 -3.08 0.78 9.12
N ASN A 180 -3.96 -0.12 9.55
CA ASN A 180 -4.38 -1.24 8.70
C ASN A 180 -5.13 -0.74 7.46
N TYR A 181 -6.12 0.14 7.67
CA TYR A 181 -6.90 0.67 6.55
C TYR A 181 -6.02 1.45 5.59
N ALA A 182 -5.11 2.28 6.14
CA ALA A 182 -4.23 3.07 5.29
C ALA A 182 -3.26 2.19 4.51
N ALA A 183 -2.76 1.13 5.14
CA ALA A 183 -1.82 0.25 4.45
C ALA A 183 -2.49 -0.51 3.32
N ALA A 184 -3.69 -1.03 3.55
CA ALA A 184 -4.42 -1.73 2.51
C ALA A 184 -4.76 -0.80 1.35
N LYS A 185 -5.21 0.41 1.66
CA LYS A 185 -5.58 1.35 0.60
C LYS A 185 -4.38 1.81 -0.21
N ALA A 186 -3.22 1.95 0.43
CA ALA A 186 -2.01 2.28 -0.32
C ALA A 186 -1.58 1.12 -1.20
N GLY A 187 -1.74 -0.11 -0.71
CA GLY A 187 -1.41 -1.26 -1.52
C GLY A 187 -2.34 -1.43 -2.71
N ILE A 188 -3.62 -1.09 -2.54
CA ILE A 188 -4.58 -1.17 -3.63
C ILE A 188 -4.17 -0.25 -4.77
N THR A 189 -3.70 0.96 -4.45
CA THR A 189 -3.21 1.88 -5.49
C THR A 189 -2.03 1.28 -6.23
N ALA A 190 -1.05 0.75 -5.49
CA ALA A 190 0.11 0.14 -6.12
C ALA A 190 -0.28 -1.10 -6.92
N LEU A 191 -1.24 -1.87 -6.43
CA LEU A 191 -1.74 -3.01 -7.18
C LEU A 191 -2.39 -2.56 -8.49
N THR A 192 -3.16 -1.47 -8.44
CA THR A 192 -3.85 -0.99 -9.63
C THR A 192 -2.87 -0.41 -10.64
N LEU A 193 -1.82 0.27 -10.17
CA LEU A 193 -0.82 0.81 -11.09
C LEU A 193 -0.14 -0.31 -11.88
N SER A 194 0.09 -1.45 -11.24
CA SER A 194 0.64 -2.61 -11.96
C SER A 194 -0.36 -3.15 -12.96
N ALA A 195 -1.65 -3.20 -12.59
CA ALA A 195 -2.68 -3.68 -13.50
C ALA A 195 -2.78 -2.78 -14.73
N ALA A 196 -2.78 -1.47 -14.51
CA ALA A 196 -2.83 -0.52 -15.63
C ALA A 196 -1.60 -0.66 -16.52
N ARG A 197 -0.44 -0.93 -15.92
CA ARG A 197 0.79 -1.06 -16.72
C ARG A 197 0.84 -2.38 -17.46
N ALA A 198 0.21 -3.43 -16.92
CA ALA A 198 0.25 -4.76 -17.53
C ALA A 198 -0.83 -4.97 -18.57
N LEU A 199 -1.97 -4.30 -18.43
CA LEU A 199 -3.13 -4.53 -19.29
C LEU A 199 -3.46 -3.36 -20.19
N GLY A 200 -2.76 -2.23 -20.05
CA GLY A 200 -3.10 -1.06 -20.84
C GLY A 200 -2.87 -1.24 -22.33
N ARG A 201 -1.88 -2.05 -22.70
N ARG A 201 -1.87 -2.05 -22.70
CA ARG A 201 -1.58 -2.30 -24.10
CA ARG A 201 -1.60 -2.29 -24.11
C ARG A 201 -2.57 -3.22 -24.79
C ARG A 201 -2.77 -2.96 -24.81
N TYR A 202 -3.56 -3.74 -24.08
CA TYR A 202 -4.59 -4.59 -24.66
C TYR A 202 -5.99 -4.02 -24.52
N GLY A 203 -6.11 -2.73 -24.19
CA GLY A 203 -7.39 -2.07 -24.14
C GLY A 203 -8.05 -2.01 -22.79
N VAL A 204 -7.40 -2.49 -21.74
CA VAL A 204 -7.94 -2.45 -20.39
C VAL A 204 -7.52 -1.15 -19.71
N CYS A 205 -8.45 -0.54 -18.98
CA CYS A 205 -8.18 0.66 -18.20
C CYS A 205 -8.40 0.35 -16.73
N ALA A 206 -7.37 0.58 -15.92
CA ALA A 206 -7.43 0.37 -14.48
C ALA A 206 -7.15 1.71 -13.79
N ASN A 207 -8.08 2.14 -12.94
CA ASN A 207 -7.96 3.42 -12.28
C ASN A 207 -8.44 3.31 -10.83
N VAL A 208 -8.07 4.30 -10.03
CA VAL A 208 -8.31 4.30 -8.59
C VAL A 208 -9.18 5.49 -8.24
N ILE A 209 -10.16 5.28 -7.35
CA ILE A 209 -10.98 6.35 -6.80
C ILE A 209 -10.76 6.39 -5.29
N CYS A 210 -10.67 7.60 -4.75
CA CYS A 210 -10.56 7.83 -3.31
C CYS A 210 -11.80 8.61 -2.89
N PRO A 211 -12.91 7.92 -2.62
CA PRO A 211 -14.18 8.61 -2.41
C PRO A 211 -14.45 8.97 -0.96
N ARG A 212 -15.34 9.94 -0.79
CA ARG A 212 -15.97 10.23 0.49
C ARG A 212 -17.47 10.30 0.25
N ALA A 213 -18.22 9.45 0.95
CA ALA A 213 -19.66 9.40 0.76
C ALA A 213 -20.34 9.21 2.11
N ARG A 214 -21.58 9.69 2.20
CA ARG A 214 -22.35 9.59 3.43
C ARG A 214 -23.25 8.34 3.39
N ILE A 233 -27.81 16.22 -4.23
CA ILE A 233 -28.13 17.40 -3.43
C ILE A 233 -27.30 17.41 -2.15
N ASP A 234 -27.29 16.27 -1.46
CA ASP A 234 -26.42 16.09 -0.31
C ASP A 234 -24.96 16.17 -0.77
N PRO A 235 -24.17 17.13 -0.27
CA PRO A 235 -22.78 17.26 -0.74
C PRO A 235 -21.92 16.03 -0.50
N LEU A 236 -22.40 15.04 0.27
CA LEU A 236 -21.68 13.78 0.45
C LEU A 236 -22.48 12.60 -0.05
N SER A 237 -23.37 12.84 -1.02
CA SER A 237 -24.15 11.76 -1.60
C SER A 237 -23.26 10.84 -2.43
N PRO A 238 -23.49 9.53 -2.38
CA PRO A 238 -22.69 8.62 -3.23
C PRO A 238 -22.86 8.87 -4.71
N GLN A 239 -23.91 9.58 -5.13
CA GLN A 239 -24.09 9.91 -6.53
C GLN A 239 -22.95 10.76 -7.06
N HIS A 240 -22.29 11.52 -6.17
CA HIS A 240 -21.09 12.24 -6.58
C HIS A 240 -19.99 11.28 -7.03
N VAL A 241 -19.90 10.13 -6.37
CA VAL A 241 -18.89 9.14 -6.73
C VAL A 241 -19.37 8.31 -7.92
N VAL A 242 -20.67 8.03 -8.00
CA VAL A 242 -21.19 7.14 -9.04
C VAL A 242 -20.93 7.72 -10.42
N SER A 243 -21.16 9.03 -10.59
CA SER A 243 -20.98 9.66 -11.89
C SER A 243 -19.54 9.55 -12.39
N LEU A 244 -18.57 9.55 -11.47
CA LEU A 244 -17.19 9.33 -11.88
C LEU A 244 -16.94 7.87 -12.25
N VAL A 245 -17.49 6.94 -11.46
CA VAL A 245 -17.33 5.53 -11.75
C VAL A 245 -18.00 5.18 -13.08
N GLN A 246 -19.13 5.83 -13.38
CA GLN A 246 -19.79 5.62 -14.66
C GLN A 246 -18.88 6.01 -15.83
N PHE A 247 -18.10 7.08 -15.65
CA PHE A 247 -17.13 7.45 -16.68
C PHE A 247 -16.01 6.44 -16.77
N LEU A 248 -15.43 6.07 -15.62
CA LEU A 248 -14.32 5.12 -15.59
C LEU A 248 -14.73 3.73 -16.04
N ALA A 249 -16.02 3.46 -16.18
CA ALA A 249 -16.51 2.18 -16.69
C ALA A 249 -16.96 2.25 -18.14
N SER A 250 -16.96 3.44 -18.74
CA SER A 250 -17.46 3.67 -20.08
C SER A 250 -16.32 3.67 -21.09
N PRO A 251 -16.62 3.45 -22.38
CA PRO A 251 -15.57 3.57 -23.41
C PRO A 251 -14.98 4.96 -23.52
N ALA A 252 -15.69 6.00 -23.06
CA ALA A 252 -15.19 7.36 -23.15
C ALA A 252 -13.92 7.57 -22.32
N ALA A 253 -13.63 6.67 -21.39
CA ALA A 253 -12.41 6.71 -20.60
C ALA A 253 -11.29 5.89 -21.20
N ALA A 254 -11.26 5.75 -22.53
CA ALA A 254 -10.26 4.89 -23.16
C ALA A 254 -8.84 5.41 -22.97
N GLU A 255 -8.68 6.73 -22.85
CA GLU A 255 -7.38 7.34 -22.62
C GLU A 255 -7.14 7.66 -21.16
N VAL A 256 -7.86 6.99 -20.25
CA VAL A 256 -7.68 7.16 -18.81
C VAL A 256 -7.22 5.83 -18.25
N ASN A 257 -5.94 5.73 -17.90
CA ASN A 257 -5.39 4.51 -17.36
C ASN A 257 -4.31 4.85 -16.34
N GLY A 258 -4.30 4.12 -15.23
CA GLY A 258 -3.31 4.32 -14.20
C GLY A 258 -3.42 5.65 -13.47
N GLN A 259 -4.62 6.21 -13.39
CA GLN A 259 -4.84 7.49 -12.73
C GLN A 259 -5.52 7.29 -11.38
N VAL A 260 -5.29 8.23 -10.48
CA VAL A 260 -5.88 8.22 -9.14
C VAL A 260 -6.75 9.45 -8.99
N PHE A 261 -7.98 9.26 -8.53
CA PHE A 261 -8.95 10.33 -8.39
C PHE A 261 -9.46 10.40 -6.96
N ILE A 262 -9.59 11.63 -6.45
CA ILE A 262 -10.32 11.91 -5.22
C ILE A 262 -11.63 12.58 -5.61
N VAL A 263 -12.74 12.06 -5.10
CA VAL A 263 -14.06 12.56 -5.46
C VAL A 263 -14.95 12.59 -4.23
N TYR A 264 -15.49 13.77 -3.93
CA TYR A 264 -16.57 13.93 -2.96
C TYR A 264 -17.23 15.28 -3.21
N GLY A 265 -18.55 15.27 -3.35
CA GLY A 265 -19.27 16.45 -3.73
C GLY A 265 -19.17 16.69 -5.23
N PRO A 266 -19.45 17.92 -5.66
CA PRO A 266 -19.39 18.23 -7.10
C PRO A 266 -17.98 18.48 -7.60
N GLN A 267 -17.00 17.74 -7.08
CA GLN A 267 -15.61 17.92 -7.50
C GLN A 267 -14.93 16.57 -7.70
N VAL A 268 -14.07 16.50 -8.71
CA VAL A 268 -13.21 15.36 -8.95
C VAL A 268 -11.79 15.88 -9.04
N THR A 269 -10.90 15.34 -8.21
CA THR A 269 -9.52 15.81 -8.10
C THR A 269 -8.59 14.72 -8.61
N LEU A 270 -7.76 15.07 -9.58
CA LEU A 270 -6.75 14.16 -10.12
C LEU A 270 -5.46 14.30 -9.32
N VAL A 271 -5.07 13.24 -8.62
CA VAL A 271 -3.85 13.27 -7.83
C VAL A 271 -2.65 13.09 -8.75
N SER A 272 -1.61 13.87 -8.49
CA SER A 272 -0.35 13.74 -9.21
C SER A 272 0.55 12.73 -8.52
N PRO A 273 1.48 12.12 -9.26
CA PRO A 273 2.45 11.23 -8.63
C PRO A 273 3.30 11.98 -7.61
N PRO A 274 3.88 11.28 -6.64
CA PRO A 274 4.74 11.96 -5.67
C PRO A 274 6.01 12.46 -6.33
N HIS A 275 6.42 13.68 -5.96
CA HIS A 275 7.61 14.30 -6.49
C HIS A 275 8.71 14.31 -5.43
N MET A 276 9.92 14.65 -5.88
CA MET A 276 11.04 14.82 -4.97
C MET A 276 11.03 16.22 -4.39
N GLU A 277 11.28 16.32 -3.09
CA GLU A 277 11.32 17.61 -2.41
C GLU A 277 12.72 18.23 -2.44
N ARG A 278 13.75 17.42 -2.19
CA ARG A 278 15.12 17.92 -2.15
C ARG A 278 16.07 16.75 -2.43
N ARG A 279 17.10 17.02 -3.23
CA ARG A 279 18.11 16.04 -3.55
C ARG A 279 19.39 16.34 -2.76
N PHE A 280 19.89 15.35 -2.03
CA PHE A 280 21.08 15.50 -1.21
C PHE A 280 22.19 14.68 -1.87
N SER A 281 22.89 15.31 -2.82
CA SER A 281 23.95 14.66 -3.56
C SER A 281 25.29 14.94 -2.89
N ALA A 282 26.07 13.89 -2.65
CA ALA A 282 27.36 14.01 -2.01
C ALA A 282 28.41 14.55 -2.96
N ASP A 283 29.40 15.22 -2.40
CA ASP A 283 30.53 15.74 -3.17
C ASP A 283 31.61 14.68 -3.34
N GLY A 284 31.19 13.49 -3.75
CA GLY A 284 32.11 12.39 -3.95
C GLY A 284 31.40 11.18 -4.50
N THR A 285 32.02 10.02 -4.32
CA THR A 285 31.42 8.77 -4.78
C THR A 285 30.39 8.23 -3.79
N SER A 286 30.61 8.42 -2.49
CA SER A 286 29.72 7.95 -1.47
C SER A 286 29.56 9.00 -0.39
N TRP A 287 28.39 9.01 0.26
CA TRP A 287 28.15 9.94 1.35
C TRP A 287 29.03 9.57 2.54
N ASP A 288 29.68 10.57 3.11
CA ASP A 288 30.31 10.35 4.41
C ASP A 288 29.23 10.39 5.50
N PRO A 289 29.29 9.47 6.47
CA PRO A 289 28.25 9.44 7.50
C PRO A 289 28.04 10.76 8.22
N THR A 290 29.11 11.38 8.73
CA THR A 290 28.96 12.67 9.42
C THR A 290 28.59 13.77 8.44
N GLU A 291 29.09 13.70 7.20
CA GLU A 291 28.72 14.68 6.20
C GLU A 291 27.23 14.63 5.90
N LEU A 292 26.69 13.42 5.80
CA LEU A 292 25.25 13.27 5.58
C LEU A 292 24.45 13.71 6.79
N THR A 293 24.93 13.36 8.00
CA THR A 293 24.23 13.75 9.21
C THR A 293 24.13 15.27 9.33
N ALA A 294 25.21 15.98 9.00
CA ALA A 294 25.19 17.44 9.07
C ALA A 294 24.17 18.04 8.11
N THR A 295 24.11 17.51 6.88
CA THR A 295 23.21 18.07 5.87
C THR A 295 21.76 17.84 6.24
N LEU A 296 21.41 16.62 6.63
CA LEU A 296 20.02 16.32 6.95
C LEU A 296 19.58 16.97 8.26
N ARG A 297 20.45 16.95 9.27
CA ARG A 297 20.11 17.59 10.54
C ARG A 297 19.85 19.08 10.35
N ASP A 298 20.62 19.72 9.46
CA ASP A 298 20.43 21.15 9.22
C ASP A 298 19.16 21.40 8.39
N TYR A 299 18.85 20.50 7.45
CA TYR A 299 17.67 20.70 6.63
C TYR A 299 16.39 20.60 7.45
N PHE A 300 16.37 19.69 8.43
CA PHE A 300 15.22 19.50 9.30
C PHE A 300 15.30 20.32 10.59
N ALA A 301 16.16 21.34 10.62
CA ALA A 301 16.33 22.14 11.83
C ALA A 301 15.05 22.91 12.17
N GLY A 302 14.55 23.69 11.21
CA GLY A 302 13.30 24.40 11.41
C GLY A 302 12.11 23.64 10.83
N ARG A 303 11.80 22.50 11.43
CA ARG A 303 10.81 21.57 10.89
C ARG A 303 9.60 21.52 11.81
N ASP A 304 8.40 21.62 11.23
CA ASP A 304 7.16 21.56 11.98
C ASP A 304 6.48 20.21 11.78
N THR B 16 25.10 10.10 16.03
CA THR B 16 26.07 9.31 15.28
C THR B 16 26.95 8.50 16.24
N ASP B 17 26.42 8.21 17.42
CA ASP B 17 27.05 7.30 18.37
C ASP B 17 25.94 6.56 19.11
N LEU B 18 25.85 5.25 18.91
CA LEU B 18 24.76 4.45 19.45
C LEU B 18 25.23 3.55 20.59
N SER B 19 26.23 4.00 21.35
CA SER B 19 26.75 3.21 22.44
C SER B 19 25.70 3.02 23.52
N GLY B 20 25.57 1.77 24.00
CA GLY B 20 24.62 1.46 25.05
C GLY B 20 23.19 1.34 24.60
N LYS B 21 22.92 1.32 23.30
CA LYS B 21 21.57 1.17 22.78
C LYS B 21 21.41 -0.21 22.16
N VAL B 22 20.15 -0.64 22.05
CA VAL B 22 19.81 -1.97 21.55
C VAL B 22 19.01 -1.80 20.27
N ALA B 23 19.47 -2.45 19.20
CA ALA B 23 18.83 -2.37 17.89
C ALA B 23 18.37 -3.76 17.44
N VAL B 24 17.30 -3.79 16.68
CA VAL B 24 16.78 -5.01 16.06
C VAL B 24 16.74 -4.79 14.56
N VAL B 25 17.35 -5.71 13.82
CA VAL B 25 17.38 -5.66 12.35
C VAL B 25 16.90 -7.00 11.81
N THR B 26 15.93 -6.97 10.91
CA THR B 26 15.39 -8.16 10.29
C THR B 26 15.95 -8.34 8.89
N GLY B 27 15.89 -9.58 8.40
CA GLY B 27 16.49 -9.90 7.12
C GLY B 27 17.96 -9.55 7.04
N ALA B 28 18.71 -9.83 8.10
CA ALA B 28 20.09 -9.37 8.23
C ALA B 28 21.11 -10.47 7.94
N ALA B 29 20.68 -11.60 7.37
CA ALA B 29 21.63 -12.65 7.03
C ALA B 29 22.59 -12.19 5.93
N ALA B 30 22.09 -11.42 4.97
CA ALA B 30 22.91 -10.92 3.87
C ALA B 30 22.25 -9.68 3.28
N GLY B 31 22.91 -9.10 2.29
CA GLY B 31 22.31 -7.99 1.57
C GLY B 31 22.24 -6.73 2.40
N LEU B 32 21.07 -6.09 2.37
CA LEU B 32 20.91 -4.79 3.02
C LEU B 32 20.90 -4.92 4.54
N GLY B 33 20.15 -5.89 5.06
CA GLY B 33 20.03 -6.02 6.50
C GLY B 33 21.36 -6.29 7.19
N ARG B 34 22.21 -7.09 6.56
CA ARG B 34 23.53 -7.35 7.13
C ARG B 34 24.36 -6.08 7.19
N ALA B 35 24.41 -5.34 6.07
CA ALA B 35 25.14 -4.08 6.04
C ALA B 35 24.55 -3.08 7.01
N GLU B 36 23.21 -3.05 7.11
CA GLU B 36 22.56 -2.15 8.06
C GLU B 36 22.92 -2.52 9.50
N ALA B 37 22.87 -3.81 9.83
CA ALA B 37 23.19 -4.23 11.18
C ALA B 37 24.68 -4.09 11.48
N LEU B 38 25.53 -4.23 10.46
CA LEU B 38 26.96 -3.98 10.65
C LEU B 38 27.23 -2.51 10.95
N GLY B 39 26.56 -1.60 10.22
CA GLY B 39 26.78 -0.19 10.45
C GLY B 39 26.30 0.29 11.81
N LEU B 40 25.26 -0.35 12.35
CA LEU B 40 24.78 0.01 13.67
C LEU B 40 25.73 -0.48 14.75
N ALA B 41 26.26 -1.70 14.60
CA ALA B 41 27.15 -2.26 15.60
C ALA B 41 28.48 -1.53 15.64
N ARG B 42 28.95 -1.02 14.50
CA ARG B 42 30.18 -0.24 14.50
C ARG B 42 30.05 1.05 15.29
N LEU B 43 28.85 1.62 15.34
CA LEU B 43 28.59 2.80 16.14
C LEU B 43 28.36 2.49 17.61
N GLY B 44 28.58 1.24 18.03
CA GLY B 44 28.47 0.86 19.42
C GLY B 44 27.13 0.31 19.85
N ALA B 45 26.24 0.02 18.91
CA ALA B 45 24.90 -0.44 19.24
C ALA B 45 24.86 -1.96 19.38
N THR B 46 24.23 -2.44 20.45
CA THR B 46 23.92 -3.86 20.56
C THR B 46 22.83 -4.20 19.56
N VAL B 47 23.07 -5.24 18.75
CA VAL B 47 22.21 -5.56 17.62
C VAL B 47 21.64 -6.96 17.81
N VAL B 48 20.32 -7.06 17.75
CA VAL B 48 19.62 -8.34 17.70
C VAL B 48 19.39 -8.68 16.23
N VAL B 49 20.07 -9.71 15.74
CA VAL B 49 20.04 -10.07 14.33
C VAL B 49 18.96 -11.12 14.11
N ASN B 50 18.09 -10.87 13.13
CA ASN B 50 17.00 -11.79 12.83
C ASN B 50 16.97 -12.13 11.35
N ASP B 51 16.86 -13.41 11.06
CA ASP B 51 16.56 -14.00 9.73
C ASP B 51 16.07 -15.42 9.94
N VAL B 52 15.66 -16.09 8.89
CA VAL B 52 15.26 -17.50 8.98
C VAL B 52 16.51 -18.35 9.29
N ALA B 53 16.31 -19.39 10.07
CA ALA B 53 17.39 -20.30 10.51
C ALA B 53 18.33 -20.68 9.38
N SER B 54 17.79 -21.07 8.24
CA SER B 54 18.64 -21.49 7.13
C SER B 54 19.49 -20.33 6.63
N ALA B 55 18.92 -19.14 6.56
CA ALA B 55 19.70 -17.98 6.12
C ALA B 55 20.73 -17.58 7.16
N LEU B 56 20.38 -17.69 8.45
CA LEU B 56 21.35 -17.40 9.50
C LEU B 56 22.46 -18.43 9.53
N ASP B 57 22.15 -19.68 9.19
CA ASP B 57 23.18 -20.73 9.21
C ASP B 57 24.21 -20.52 8.11
N ALA B 58 23.74 -20.33 6.87
CA ALA B 58 24.64 -20.13 5.74
C ALA B 58 25.40 -18.81 5.83
N SER B 59 25.02 -17.92 6.74
CA SER B 59 25.67 -16.63 6.91
C SER B 59 26.61 -16.65 8.11
N ASP B 60 27.65 -15.82 8.05
CA ASP B 60 28.55 -15.61 9.16
C ASP B 60 28.24 -14.33 9.92
N VAL B 61 27.04 -13.78 9.72
CA VAL B 61 26.71 -12.45 10.24
C VAL B 61 26.65 -12.42 11.76
N VAL B 62 26.46 -13.56 12.42
CA VAL B 62 26.49 -13.59 13.87
C VAL B 62 27.86 -13.17 14.38
N ASP B 63 28.91 -13.77 13.82
CA ASP B 63 30.26 -13.45 14.25
C ASP B 63 30.82 -12.20 13.56
N GLU B 64 30.33 -11.88 12.36
CA GLU B 64 30.75 -10.64 11.73
C GLU B 64 30.26 -9.43 12.53
N ILE B 65 29.03 -9.50 13.05
CA ILE B 65 28.54 -8.45 13.92
C ILE B 65 28.97 -8.68 15.36
N GLY B 66 29.09 -9.93 15.78
CA GLY B 66 29.61 -10.22 17.10
C GLY B 66 31.03 -9.72 17.30
N ALA B 67 31.83 -9.74 16.23
CA ALA B 67 33.19 -9.22 16.29
C ALA B 67 33.26 -7.71 16.13
N ALA B 68 32.12 -7.04 15.95
CA ALA B 68 32.12 -5.58 15.91
C ALA B 68 32.45 -4.96 17.25
N ALA B 69 32.58 -5.77 18.31
CA ALA B 69 33.01 -5.28 19.61
C ALA B 69 34.48 -4.89 19.57
N ALA B 70 34.80 -3.81 18.87
CA ALA B 70 36.18 -3.37 18.71
C ALA B 70 36.24 -1.88 18.44
N ALA B 72 32.13 -2.06 18.78
CA ALA B 72 32.67 -0.98 19.58
C ALA B 72 32.24 -1.11 21.04
N GLY B 73 32.58 -2.23 21.65
CA GLY B 73 32.24 -2.45 23.05
C GLY B 73 30.84 -2.95 23.31
N ALA B 74 30.19 -3.55 22.32
CA ALA B 74 28.84 -4.08 22.46
C ALA B 74 28.78 -5.48 21.87
N LYS B 75 27.70 -6.18 22.19
CA LYS B 75 27.50 -7.57 21.79
C LYS B 75 26.44 -7.66 20.69
N ALA B 76 26.32 -8.85 20.13
CA ALA B 76 25.33 -9.14 19.09
C ALA B 76 24.68 -10.48 19.38
N VAL B 77 23.37 -10.55 19.20
CA VAL B 77 22.59 -11.75 19.46
C VAL B 77 21.79 -12.09 18.20
N ALA B 78 21.61 -13.38 17.96
CA ALA B 78 20.83 -13.88 16.84
C ALA B 78 19.50 -14.44 17.33
N VAL B 79 18.44 -14.16 16.59
CA VAL B 79 17.12 -14.73 16.83
C VAL B 79 16.57 -15.17 15.48
N ALA B 80 16.42 -16.48 15.29
CA ALA B 80 15.91 -17.02 14.03
C ALA B 80 14.39 -17.09 14.08
N GLY B 81 13.79 -17.05 12.90
CA GLY B 81 12.34 -17.19 12.78
C GLY B 81 11.81 -16.42 11.59
N ASP B 82 10.60 -16.80 11.18
CA ASP B 82 9.89 -16.13 10.09
C ASP B 82 9.27 -14.84 10.63
N ILE B 83 9.68 -13.69 10.08
CA ILE B 83 9.21 -12.41 10.59
C ILE B 83 7.72 -12.22 10.35
N SER B 84 7.12 -12.97 9.43
CA SER B 84 5.68 -12.86 9.18
C SER B 84 4.84 -13.55 10.24
N GLN B 85 5.47 -14.13 11.26
CA GLN B 85 4.77 -14.83 12.33
C GLN B 85 4.85 -14.03 13.62
N ARG B 86 3.74 -14.00 14.36
CA ARG B 86 3.67 -13.21 15.60
C ARG B 86 4.71 -13.66 16.62
N ALA B 87 5.00 -14.97 16.67
CA ALA B 87 5.95 -15.47 17.66
C ALA B 87 7.35 -14.90 17.45
N THR B 88 7.72 -14.62 16.20
CA THR B 88 9.04 -14.07 15.92
C THR B 88 9.16 -12.64 16.44
N ALA B 89 8.17 -11.80 16.15
CA ALA B 89 8.18 -10.44 16.64
C ALA B 89 8.10 -10.40 18.16
N ASP B 90 7.49 -11.41 18.78
CA ASP B 90 7.46 -11.49 20.23
C ASP B 90 8.83 -11.84 20.79
N GLU B 91 9.54 -12.78 20.16
CA GLU B 91 10.85 -13.17 20.65
C GLU B 91 11.89 -12.08 20.38
N LEU B 92 11.74 -11.33 19.30
CA LEU B 92 12.65 -10.22 19.03
C LEU B 92 12.51 -9.13 20.08
N LEU B 93 11.29 -8.83 20.50
CA LEU B 93 11.09 -7.82 21.54
C LEU B 93 11.57 -8.33 22.89
N ALA B 94 11.38 -9.63 23.16
CA ALA B 94 11.84 -10.20 24.42
C ALA B 94 13.36 -10.21 24.49
N SER B 95 14.03 -10.45 23.37
CA SER B 95 15.49 -10.47 23.35
C SER B 95 16.06 -9.08 23.61
N ALA B 96 15.49 -8.06 22.97
CA ALA B 96 15.96 -6.69 23.16
C ALA B 96 15.76 -6.23 24.60
N VAL B 97 14.60 -6.51 25.19
CA VAL B 97 14.35 -6.16 26.58
C VAL B 97 15.31 -6.91 27.50
N GLY B 98 15.59 -8.17 27.19
CA GLY B 98 16.57 -8.91 27.97
C GLY B 98 17.95 -8.30 27.92
N LEU B 99 18.26 -7.57 26.84
CA LEU B 99 19.52 -6.87 26.70
C LEU B 99 19.50 -5.47 27.31
N GLY B 100 18.36 -5.03 27.83
CA GLY B 100 18.27 -3.74 28.49
C GLY B 100 17.27 -2.77 27.90
N GLY B 101 16.56 -3.12 26.82
CA GLY B 101 15.61 -2.22 26.22
C GLY B 101 15.54 -2.31 24.71
N LEU B 102 14.74 -1.44 24.09
CA LEU B 102 14.59 -1.41 22.64
C LEU B 102 14.63 0.04 22.19
N ASP B 103 15.68 0.41 21.46
CA ASP B 103 15.89 1.76 20.98
C ASP B 103 15.74 1.91 19.47
N ILE B 104 16.17 0.92 18.70
CA ILE B 104 16.20 1.00 17.25
C ILE B 104 15.55 -0.25 16.67
N VAL B 105 14.66 -0.07 15.69
CA VAL B 105 14.05 -1.16 14.97
C VAL B 105 14.20 -0.88 13.47
N VAL B 106 14.91 -1.77 12.78
CA VAL B 106 15.10 -1.69 11.34
C VAL B 106 14.36 -2.85 10.71
N ASN B 107 13.20 -2.57 10.11
CA ASN B 107 12.43 -3.57 9.39
C ASN B 107 12.96 -3.65 7.97
N ASN B 108 13.57 -4.78 7.62
CA ASN B 108 14.21 -4.97 6.33
C ASN B 108 13.90 -6.31 5.67
N ALA B 109 13.48 -7.32 6.43
CA ALA B 109 13.25 -8.64 5.87
C ALA B 109 12.22 -8.59 4.74
N GLY B 110 12.50 -9.35 3.68
CA GLY B 110 11.60 -9.37 2.54
C GLY B 110 12.05 -10.39 1.54
N ILE B 111 11.10 -10.80 0.69
CA ILE B 111 11.34 -11.74 -0.40
C ILE B 111 10.67 -11.19 -1.65
N THR B 112 10.95 -11.84 -2.78
CA THR B 112 10.34 -11.49 -4.06
C THR B 112 9.73 -12.74 -4.68
N ARG B 113 8.47 -12.64 -5.08
CA ARG B 113 7.80 -13.66 -5.86
C ARG B 113 7.28 -13.01 -7.15
N ASP B 114 8.23 -12.61 -8.00
CA ASP B 114 7.89 -11.88 -9.22
C ASP B 114 7.09 -12.75 -10.18
N ARG B 115 6.10 -12.14 -10.83
CA ARG B 115 5.22 -12.80 -11.78
C ARG B 115 4.33 -11.74 -12.41
N MET B 116 4.03 -11.91 -13.70
CA MET B 116 3.05 -11.05 -14.33
C MET B 116 1.73 -11.15 -13.59
N LEU B 117 0.99 -10.02 -13.56
CA LEU B 117 -0.21 -9.96 -12.73
C LEU B 117 -1.24 -10.99 -13.18
N PHE B 118 -1.39 -11.20 -14.49
CA PHE B 118 -2.35 -12.19 -14.97
C PHE B 118 -1.88 -13.63 -14.77
N ASN B 119 -0.65 -13.84 -14.29
CA ASN B 119 -0.16 -15.18 -14.00
C ASN B 119 0.15 -15.39 -12.53
N MET B 120 -0.08 -14.40 -11.68
CA MET B 120 0.32 -14.46 -10.28
C MET B 120 -0.65 -15.30 -9.47
N SER B 121 -0.11 -16.29 -8.76
CA SER B 121 -0.92 -17.17 -7.93
C SER B 121 -1.23 -16.52 -6.58
N ASP B 122 -2.18 -17.12 -5.86
CA ASP B 122 -2.51 -16.62 -4.53
C ASP B 122 -1.33 -16.73 -3.58
N GLU B 123 -0.58 -17.85 -3.66
CA GLU B 123 0.57 -18.02 -2.80
C GLU B 123 1.66 -16.99 -3.09
N GLU B 124 1.91 -16.70 -4.37
CA GLU B 124 2.91 -15.70 -4.72
C GLU B 124 2.55 -14.33 -4.19
N TRP B 125 1.26 -14.01 -4.13
CA TRP B 125 0.82 -12.75 -3.55
C TRP B 125 0.88 -12.80 -2.02
N ASP B 126 0.31 -13.86 -1.43
CA ASP B 126 0.24 -13.96 0.02
C ASP B 126 1.64 -13.96 0.65
N ALA B 127 2.61 -14.60 -0.01
CA ALA B 127 3.93 -14.75 0.57
C ALA B 127 4.65 -13.40 0.67
N VAL B 128 4.63 -12.62 -0.41
CA VAL B 128 5.29 -11.32 -0.41
C VAL B 128 4.59 -10.38 0.57
N ILE B 129 3.26 -10.44 0.63
CA ILE B 129 2.53 -9.57 1.56
C ILE B 129 2.83 -9.95 3.00
N ALA B 130 2.90 -11.26 3.29
CA ALA B 130 3.12 -11.70 4.66
C ALA B 130 4.49 -11.25 5.19
N VAL B 131 5.55 -11.55 4.44
CA VAL B 131 6.90 -11.23 4.90
C VAL B 131 7.10 -9.72 4.97
N HIS B 132 6.82 -9.02 3.87
CA HIS B 132 7.04 -7.58 3.83
C HIS B 132 6.04 -6.85 4.73
N LEU B 133 4.76 -6.91 4.40
CA LEU B 133 3.77 -6.04 5.05
C LEU B 133 3.43 -6.52 6.45
N ARG B 134 3.10 -7.80 6.62
CA ARG B 134 2.73 -8.28 7.95
C ARG B 134 3.94 -8.30 8.88
N GLY B 135 5.10 -8.74 8.38
CA GLY B 135 6.30 -8.71 9.18
C GLY B 135 6.65 -7.32 9.67
N HIS B 136 6.52 -6.32 8.78
CA HIS B 136 6.71 -4.94 9.20
C HIS B 136 5.71 -4.55 10.29
N PHE B 137 4.44 -4.91 10.10
CA PHE B 137 3.42 -4.55 11.07
C PHE B 137 3.69 -5.18 12.44
N LEU B 138 3.98 -6.48 12.45
CA LEU B 138 4.14 -7.20 13.71
C LEU B 138 5.24 -6.58 14.56
N LEU B 139 6.40 -6.32 13.95
CA LEU B 139 7.50 -5.73 14.69
C LEU B 139 7.27 -4.24 14.96
N THR B 140 6.61 -3.54 14.04
CA THR B 140 6.28 -2.13 14.30
C THR B 140 5.30 -1.99 15.44
N ARG B 141 4.26 -2.84 15.47
CA ARG B 141 3.24 -2.74 16.52
C ARG B 141 3.82 -3.15 17.88
N ASN B 142 4.65 -4.19 17.91
CA ASN B 142 5.31 -4.58 19.15
C ASN B 142 6.18 -3.46 19.69
N ALA B 143 6.97 -2.84 18.81
CA ALA B 143 7.80 -1.71 19.22
C ALA B 143 6.96 -0.51 19.63
N ALA B 144 5.81 -0.31 18.98
CA ALA B 144 4.94 0.81 19.30
C ALA B 144 4.37 0.67 20.72
N ALA B 145 3.86 -0.51 21.04
CA ALA B 145 3.30 -0.74 22.38
C ALA B 145 4.38 -0.62 23.44
N TYR B 146 5.58 -1.12 23.17
CA TYR B 146 6.67 -1.01 24.13
C TYR B 146 7.07 0.44 24.35
N TRP B 147 7.24 1.20 23.26
CA TRP B 147 7.64 2.60 23.39
C TRP B 147 6.56 3.45 24.04
N ARG B 148 5.28 3.14 23.79
CA ARG B 148 4.20 3.91 24.40
C ARG B 148 4.11 3.62 25.89
N ASP B 149 4.21 2.36 26.28
CA ASP B 149 4.21 2.02 27.70
C ASP B 149 5.42 2.59 28.41
N LYS B 150 6.60 2.48 27.79
CA LYS B 150 7.83 3.01 28.39
C LYS B 150 7.77 4.52 28.56
N ALA B 151 7.02 5.21 27.68
CA ALA B 151 6.92 6.66 27.77
C ALA B 151 6.00 7.11 28.89
N LYS B 152 4.88 6.38 29.11
CA LYS B 152 3.99 6.76 30.19
C LYS B 152 4.64 6.56 31.55
N ASP B 153 5.55 5.60 31.67
CA ASP B 153 6.28 5.40 32.93
C ASP B 153 7.48 6.32 33.07
N ALA B 154 7.97 6.89 31.97
CA ALA B 154 9.07 7.83 32.05
C ALA B 154 8.61 9.13 32.69
N GLU B 155 9.43 9.67 33.61
CA GLU B 155 9.05 10.89 34.30
C GLU B 155 9.06 12.11 33.37
N GLY B 156 9.78 12.03 32.26
CA GLY B 156 9.71 13.08 31.25
C GLY B 156 8.67 12.84 30.18
N GLY B 157 8.00 11.69 30.21
CA GLY B 157 6.94 11.37 29.29
C GLY B 157 7.40 10.96 27.90
N SER B 158 8.70 10.85 27.66
CA SER B 158 9.23 10.52 26.35
C SER B 158 10.15 9.31 26.44
N VAL B 159 10.49 8.76 25.27
CA VAL B 159 11.39 7.62 25.17
C VAL B 159 12.18 7.77 23.89
N PHE B 160 13.42 7.26 23.90
CA PHE B 160 14.22 7.23 22.69
C PHE B 160 13.78 6.03 21.84
N GLY B 161 13.27 6.31 20.65
CA GLY B 161 12.85 5.28 19.74
C GLY B 161 13.10 5.65 18.29
N ARG B 162 13.65 4.72 17.52
CA ARG B 162 13.93 4.94 16.10
C ARG B 162 13.38 3.77 15.30
N LEU B 163 12.43 4.06 14.42
CA LEU B 163 11.82 3.07 13.55
C LEU B 163 12.21 3.35 12.10
N VAL B 164 12.97 2.44 11.50
CA VAL B 164 13.37 2.54 10.10
C VAL B 164 12.72 1.39 9.37
N ASN B 165 11.74 1.69 8.52
CA ASN B 165 11.08 0.69 7.70
C ASN B 165 11.55 0.84 6.25
N THR B 166 11.53 -0.27 5.52
CA THR B 166 12.06 -0.33 4.17
C THR B 166 10.91 -0.50 3.19
N SER B 167 10.68 0.53 2.37
CA SER B 167 9.78 0.45 1.24
C SER B 167 10.60 0.36 -0.04
N SER B 168 10.00 0.74 -1.16
CA SER B 168 10.69 0.70 -2.45
C SER B 168 9.97 1.62 -3.42
N GLU B 169 10.71 2.10 -4.41
CA GLU B 169 10.09 2.92 -5.46
C GLU B 169 9.05 2.15 -6.25
N ALA B 170 9.10 0.81 -6.19
CA ALA B 170 8.08 0.00 -6.85
C ALA B 170 6.69 0.35 -6.36
N GLY B 171 6.55 0.72 -5.08
CA GLY B 171 5.26 1.14 -4.57
C GLY B 171 4.73 2.41 -5.22
N LEU B 172 5.61 3.21 -5.82
CA LEU B 172 5.18 4.41 -6.52
C LEU B 172 4.94 4.17 -8.00
N VAL B 173 5.65 3.21 -8.59
CA VAL B 173 5.60 2.97 -10.02
C VAL B 173 4.62 1.86 -10.37
N GLY B 174 4.55 0.82 -9.54
CA GLY B 174 3.75 -0.34 -9.83
C GLY B 174 4.30 -1.12 -11.01
N PRO B 175 5.43 -1.81 -10.81
CA PRO B 175 6.02 -2.59 -11.90
C PRO B 175 5.08 -3.68 -12.38
N VAL B 176 5.24 -4.06 -13.64
CA VAL B 176 4.31 -5.00 -14.28
C VAL B 176 4.42 -6.39 -13.67
N GLY B 177 5.62 -6.81 -13.29
CA GLY B 177 5.81 -8.15 -12.76
C GLY B 177 6.01 -8.20 -11.26
N GLN B 178 5.68 -7.11 -10.57
CA GLN B 178 5.88 -7.02 -9.12
C GLN B 178 4.69 -6.34 -8.45
N ALA B 179 3.48 -6.76 -8.80
CA ALA B 179 2.29 -6.20 -8.15
C ALA B 179 2.29 -6.51 -6.66
N ASN B 180 2.73 -7.70 -6.28
CA ASN B 180 2.81 -8.06 -4.86
C ASN B 180 3.87 -7.24 -4.14
N TYR B 181 5.01 -7.03 -4.78
CA TYR B 181 6.07 -6.23 -4.17
C TYR B 181 5.65 -4.77 -4.01
N ALA B 182 5.07 -4.20 -5.08
CA ALA B 182 4.66 -2.80 -5.04
C ALA B 182 3.59 -2.55 -3.98
N ALA B 183 2.63 -3.46 -3.86
CA ALA B 183 1.55 -3.26 -2.89
C ALA B 183 2.05 -3.39 -1.46
N ALA B 184 2.95 -4.33 -1.21
CA ALA B 184 3.50 -4.49 0.14
C ALA B 184 4.31 -3.26 0.54
N LYS B 185 5.17 -2.78 -0.37
CA LYS B 185 5.99 -1.62 -0.08
C LYS B 185 5.17 -0.35 0.07
N ALA B 186 4.08 -0.22 -0.71
CA ALA B 186 3.22 0.95 -0.55
C ALA B 186 2.50 0.93 0.78
N GLY B 187 1.97 -0.23 1.19
CA GLY B 187 1.36 -0.33 2.50
C GLY B 187 2.34 -0.09 3.64
N ILE B 188 3.60 -0.45 3.44
CA ILE B 188 4.61 -0.22 4.47
C ILE B 188 4.82 1.27 4.69
N THR B 189 4.82 2.05 3.61
CA THR B 189 4.95 3.50 3.73
C THR B 189 3.80 4.08 4.55
N ALA B 190 2.56 3.69 4.23
CA ALA B 190 1.41 4.18 4.96
C ALA B 190 1.44 3.72 6.41
N LEU B 191 1.85 2.47 6.65
CA LEU B 191 1.98 1.98 8.02
C LEU B 191 2.97 2.82 8.82
N THR B 192 4.09 3.19 8.20
CA THR B 192 5.09 4.00 8.89
C THR B 192 4.60 5.41 9.12
N LEU B 193 3.75 5.94 8.22
CA LEU B 193 3.17 7.25 8.43
C LEU B 193 2.25 7.25 9.65
N SER B 194 1.45 6.20 9.81
CA SER B 194 0.60 6.10 11.00
C SER B 194 1.44 5.94 12.25
N ALA B 195 2.53 5.16 12.17
CA ALA B 195 3.42 5.01 13.32
C ALA B 195 4.05 6.34 13.71
N ALA B 196 4.44 7.14 12.71
CA ALA B 196 5.04 8.44 12.99
C ALA B 196 4.06 9.36 13.70
N ARG B 197 2.81 9.39 13.25
CA ARG B 197 1.81 10.24 13.90
C ARG B 197 1.47 9.73 15.28
N ALA B 198 1.43 8.40 15.47
CA ALA B 198 0.98 7.86 16.74
C ALA B 198 2.06 7.95 17.82
N LEU B 199 3.33 7.97 17.42
CA LEU B 199 4.43 7.85 18.36
C LEU B 199 5.35 9.07 18.43
N GLY B 200 5.25 10.00 17.47
CA GLY B 200 6.15 11.15 17.46
C GLY B 200 6.07 11.98 18.72
N ARG B 201 4.89 12.07 19.33
CA ARG B 201 4.75 12.82 20.57
C ARG B 201 5.55 12.21 21.72
N TYR B 202 5.94 10.93 21.61
CA TYR B 202 6.69 10.25 22.64
C TYR B 202 8.20 10.24 22.38
N GLY B 203 8.67 11.04 21.44
CA GLY B 203 10.07 11.07 21.08
C GLY B 203 10.53 9.95 20.19
N VAL B 204 9.60 9.22 19.55
CA VAL B 204 9.93 8.17 18.61
C VAL B 204 9.93 8.77 17.20
N CYS B 205 10.90 8.36 16.39
CA CYS B 205 10.99 8.80 15.00
C CYS B 205 10.81 7.59 14.10
N ALA B 206 9.84 7.68 13.19
CA ALA B 206 9.53 6.60 12.25
C ALA B 206 9.67 7.13 10.84
N ASN B 207 10.59 6.56 10.07
CA ASN B 207 10.85 7.03 8.71
C ASN B 207 10.96 5.83 7.78
N VAL B 208 10.97 6.11 6.47
CA VAL B 208 10.99 5.10 5.44
C VAL B 208 12.21 5.31 4.55
N ILE B 209 12.81 4.22 4.09
CA ILE B 209 13.89 4.26 3.12
C ILE B 209 13.46 3.47 1.90
N CYS B 210 13.79 4.00 0.71
CA CYS B 210 13.49 3.36 -0.56
C CYS B 210 14.82 3.07 -1.26
N PRO B 211 15.41 1.91 -1.04
CA PRO B 211 16.68 1.59 -1.69
C PRO B 211 16.47 1.14 -3.14
N ARG B 212 17.58 1.19 -3.88
CA ARG B 212 17.62 0.67 -5.26
C ARG B 212 18.59 -0.51 -5.27
N ALA B 213 18.07 -1.71 -5.49
CA ALA B 213 18.89 -2.91 -5.50
C ALA B 213 18.80 -3.60 -6.86
N ASP B 234 30.06 1.19 -7.14
CA ASP B 234 28.78 0.52 -7.40
C ASP B 234 27.63 1.28 -6.75
N PRO B 235 26.78 1.89 -7.58
CA PRO B 235 25.63 2.63 -7.03
C PRO B 235 24.64 1.75 -6.28
N LEU B 236 24.65 0.43 -6.50
CA LEU B 236 23.72 -0.49 -5.86
C LEU B 236 24.36 -1.28 -4.73
N SER B 237 25.48 -0.80 -4.20
CA SER B 237 26.08 -1.43 -3.04
C SER B 237 25.23 -1.17 -1.80
N PRO B 238 25.08 -2.15 -0.90
CA PRO B 238 24.26 -1.93 0.29
C PRO B 238 24.78 -0.85 1.21
N GLN B 239 26.08 -0.54 1.17
CA GLN B 239 26.66 0.45 2.06
C GLN B 239 26.22 1.87 1.74
N HIS B 240 25.62 2.10 0.57
CA HIS B 240 25.04 3.42 0.28
C HIS B 240 23.81 3.70 1.14
N VAL B 241 23.13 2.65 1.61
CA VAL B 241 21.98 2.82 2.48
C VAL B 241 22.39 2.96 3.95
N VAL B 242 23.52 2.36 4.33
CA VAL B 242 23.90 2.31 5.74
C VAL B 242 24.09 3.71 6.31
N SER B 243 24.67 4.62 5.52
CA SER B 243 24.91 5.97 6.01
C SER B 243 23.60 6.64 6.45
N LEU B 244 22.53 6.44 5.69
CA LEU B 244 21.25 7.02 6.07
C LEU B 244 20.62 6.28 7.24
N VAL B 245 20.69 4.95 7.23
CA VAL B 245 20.14 4.17 8.34
C VAL B 245 20.84 4.53 9.65
N GLN B 246 22.16 4.79 9.58
CA GLN B 246 22.88 5.22 10.78
C GLN B 246 22.36 6.57 11.27
N PHE B 247 22.03 7.48 10.35
CA PHE B 247 21.46 8.76 10.74
C PHE B 247 20.06 8.58 11.31
N LEU B 248 19.20 7.85 10.59
CA LEU B 248 17.81 7.70 11.01
C LEU B 248 17.68 6.91 12.32
N ALA B 249 18.74 6.23 12.73
CA ALA B 249 18.74 5.50 14.00
C ALA B 249 19.39 6.27 15.13
N SER B 250 19.94 7.45 14.85
CA SER B 250 20.71 8.22 15.81
C SER B 250 19.86 9.32 16.43
N PRO B 251 20.26 9.82 17.61
CA PRO B 251 19.57 10.99 18.19
C PRO B 251 19.60 12.22 17.30
N ALA B 252 20.51 12.29 16.34
CA ALA B 252 20.60 13.45 15.45
C ALA B 252 19.39 13.57 14.53
N ALA B 253 18.65 12.48 14.31
CA ALA B 253 17.45 12.50 13.50
C ALA B 253 16.19 12.84 14.30
N ALA B 254 16.35 13.47 15.46
CA ALA B 254 15.23 13.72 16.36
C ALA B 254 14.16 14.62 15.73
N GLU B 255 14.51 15.43 14.74
CA GLU B 255 13.53 16.26 14.06
C GLU B 255 13.11 15.69 12.71
N VAL B 256 13.41 14.42 12.45
CA VAL B 256 13.03 13.75 11.22
C VAL B 256 11.99 12.69 11.57
N ASN B 257 10.73 12.94 11.19
CA ASN B 257 9.64 12.01 11.47
C ASN B 257 8.69 11.97 10.29
N GLY B 258 8.21 10.77 9.97
CA GLY B 258 7.26 10.60 8.89
C GLY B 258 7.80 10.94 7.52
N GLN B 259 9.12 10.86 7.33
CA GLN B 259 9.74 11.20 6.06
C GLN B 259 10.04 9.93 5.26
N VAL B 260 10.03 10.08 3.95
CA VAL B 260 10.37 8.99 3.03
C VAL B 260 11.59 9.40 2.24
N PHE B 261 12.63 8.57 2.27
CA PHE B 261 13.88 8.83 1.59
C PHE B 261 14.16 7.77 0.53
N ILE B 262 14.63 8.23 -0.63
CA ILE B 262 15.11 7.33 -1.69
C ILE B 262 16.62 7.41 -1.71
N VAL B 263 17.28 6.25 -1.73
CA VAL B 263 18.73 6.16 -1.69
C VAL B 263 19.20 5.48 -2.98
N TYR B 264 20.13 6.14 -3.67
CA TYR B 264 20.68 5.60 -4.92
C TYR B 264 22.11 6.12 -5.03
N GLY B 265 23.06 5.31 -4.58
CA GLY B 265 24.46 5.69 -4.58
C GLY B 265 24.71 6.87 -3.67
N PRO B 266 25.42 7.88 -4.20
CA PRO B 266 25.69 9.10 -3.42
C PRO B 266 24.52 10.06 -3.31
N GLN B 267 23.34 9.68 -3.80
CA GLN B 267 22.17 10.53 -3.79
C GLN B 267 21.19 10.07 -2.72
N VAL B 268 20.71 11.01 -1.91
CA VAL B 268 19.65 10.78 -0.94
C VAL B 268 18.53 11.75 -1.26
N THR B 269 17.39 11.23 -1.72
CA THR B 269 16.28 12.05 -2.19
C THR B 269 15.13 11.98 -1.19
N LEU B 270 14.70 13.15 -0.72
CA LEU B 270 13.55 13.25 0.18
C LEU B 270 12.28 13.40 -0.66
N VAL B 271 11.36 12.47 -0.49
CA VAL B 271 10.12 12.45 -1.27
C VAL B 271 9.12 13.43 -0.66
N SER B 272 8.50 14.24 -1.52
CA SER B 272 7.46 15.11 -1.02
C SER B 272 6.10 14.40 -1.07
N PRO B 273 5.15 14.78 -0.23
CA PRO B 273 3.84 14.16 -0.28
C PRO B 273 3.17 14.44 -1.62
N PRO B 274 2.32 13.54 -2.09
CA PRO B 274 1.64 13.77 -3.37
C PRO B 274 0.72 14.98 -3.29
N HIS B 275 0.71 15.76 -4.37
CA HIS B 275 -0.15 16.93 -4.50
C HIS B 275 -1.21 16.68 -5.55
N MET B 276 -2.15 17.61 -5.65
CA MET B 276 -3.25 17.51 -6.60
C MET B 276 -2.82 18.11 -7.93
N GLU B 277 -3.12 17.40 -9.03
CA GLU B 277 -2.71 17.84 -10.36
C GLU B 277 -3.73 18.78 -10.99
N ARG B 278 -5.02 18.53 -10.77
CA ARG B 278 -6.10 19.33 -11.34
C ARG B 278 -7.40 18.95 -10.67
N ARG B 279 -8.20 19.96 -10.34
CA ARG B 279 -9.52 19.75 -9.74
C ARG B 279 -10.59 20.16 -10.74
N PHE B 280 -11.62 19.32 -10.86
CA PHE B 280 -12.73 19.54 -11.78
C PHE B 280 -13.99 19.79 -10.95
N SER B 281 -14.38 21.05 -10.82
CA SER B 281 -15.54 21.44 -10.04
C SER B 281 -16.73 21.68 -10.95
N ALA B 282 -17.88 21.10 -10.58
CA ALA B 282 -19.09 21.25 -11.38
C ALA B 282 -19.76 22.59 -11.13
N ASP B 283 -20.28 23.19 -12.19
CA ASP B 283 -21.12 24.37 -12.04
C ASP B 283 -22.43 23.96 -11.37
N GLY B 284 -22.69 24.53 -10.21
CA GLY B 284 -23.79 24.10 -9.39
C GLY B 284 -23.34 23.15 -8.30
N THR B 285 -24.32 22.47 -7.71
CA THR B 285 -24.09 21.57 -6.58
C THR B 285 -24.13 20.10 -6.98
N SER B 286 -24.06 19.79 -8.27
CA SER B 286 -24.10 18.40 -8.70
C SER B 286 -23.54 18.28 -10.11
N TRP B 287 -22.65 17.30 -10.30
CA TRP B 287 -22.18 16.96 -11.63
C TRP B 287 -23.32 16.36 -12.45
N ASP B 288 -23.54 16.88 -13.64
CA ASP B 288 -24.25 16.11 -14.65
C ASP B 288 -23.30 15.06 -15.18
N PRO B 289 -23.68 13.77 -15.18
CA PRO B 289 -22.73 12.73 -15.60
C PRO B 289 -22.15 12.94 -16.99
N THR B 290 -22.82 13.71 -17.86
CA THR B 290 -22.33 13.96 -19.20
C THR B 290 -21.34 15.12 -19.25
N GLU B 291 -21.58 16.19 -18.51
CA GLU B 291 -20.59 17.27 -18.44
C GLU B 291 -19.32 16.82 -17.74
N LEU B 292 -19.40 15.78 -16.89
CA LEU B 292 -18.20 15.24 -16.27
C LEU B 292 -17.38 14.41 -17.26
N THR B 293 -18.05 13.56 -18.03
CA THR B 293 -17.35 12.75 -19.03
C THR B 293 -16.71 13.64 -20.09
N ALA B 294 -17.37 14.74 -20.45
CA ALA B 294 -16.80 15.65 -21.43
C ALA B 294 -15.58 16.38 -20.86
N THR B 295 -15.64 16.77 -19.58
CA THR B 295 -14.53 17.47 -18.97
C THR B 295 -13.30 16.58 -18.84
N LEU B 296 -13.51 15.30 -18.50
CA LEU B 296 -12.39 14.40 -18.32
C LEU B 296 -11.85 13.88 -19.65
N ARG B 297 -12.72 13.65 -20.63
CA ARG B 297 -12.26 13.14 -21.92
C ARG B 297 -11.42 14.19 -22.65
N ASP B 298 -11.80 15.47 -22.54
CA ASP B 298 -11.01 16.52 -23.19
C ASP B 298 -9.67 16.71 -22.49
N TYR B 299 -9.65 16.63 -21.16
CA TYR B 299 -8.41 16.84 -20.42
C TYR B 299 -7.39 15.74 -20.70
N PHE B 300 -7.86 14.52 -20.92
CA PHE B 300 -6.96 13.39 -21.12
C PHE B 300 -6.65 13.12 -22.60
N ALA B 301 -7.35 13.78 -23.53
CA ALA B 301 -7.04 13.61 -24.94
C ALA B 301 -5.66 14.17 -25.26
N GLY B 302 -5.38 15.38 -24.79
CA GLY B 302 -4.10 16.01 -25.02
C GLY B 302 -3.26 16.15 -23.76
N ARG B 303 -2.78 15.02 -23.24
CA ARG B 303 -1.95 15.02 -22.03
C ARG B 303 -1.07 13.77 -22.08
N ASP B 304 0.20 13.96 -22.43
CA ASP B 304 1.14 12.85 -22.55
C ASP B 304 1.36 12.15 -21.22
#